data_3MHD
#
_entry.id   3MHD
#
_cell.length_a   130.019
_cell.length_b   130.019
_cell.length_c   96.026
_cell.angle_alpha   90.00
_cell.angle_beta   90.00
_cell.angle_gamma   120.00
#
_symmetry.space_group_name_H-M   'H 3 2'
#
_entity_poly.entity_id   1
_entity_poly.type   'polypeptide(L)'
_entity_poly.pdbx_seq_one_letter_code
;VAETPTYPWRDAETGERLVCAQCPPGTFVQRPCRRDSPTTCGPCPPRHYTQFWNYLERCRYCNVLCGEREEEARACHATH
NRACRCRTGFFAHAGFCLEHASCPPGAGVIAPGTPSQNTQCQPCPPGTFSASSSSSEQCQPHRNCTALGLALNVPGSSSH
DTLCTSTGHHHHHH
;
_entity_poly.pdbx_strand_id   D
#
# COMPACT_ATOMS: atom_id res chain seq x y z
N GLU A 3 22.83 10.94 13.71
CA GLU A 3 22.28 9.64 13.25
C GLU A 3 21.20 9.72 12.16
N THR A 4 21.06 10.90 11.56
CA THR A 4 20.16 11.11 10.43
C THR A 4 20.82 10.56 9.18
N PRO A 5 20.11 9.69 8.43
CA PRO A 5 20.57 9.12 7.16
C PRO A 5 21.06 10.13 6.13
N THR A 6 21.97 9.68 5.28
CA THR A 6 22.72 10.57 4.41
C THR A 6 23.12 9.88 3.10
N TYR A 7 23.65 10.68 2.18
CA TYR A 7 24.17 10.20 0.89
C TYR A 7 25.20 11.21 0.35
N PRO A 8 26.16 10.75 -0.48
CA PRO A 8 27.07 11.74 -1.06
C PRO A 8 26.52 12.42 -2.32
N TRP A 9 27.02 13.62 -2.61
CA TRP A 9 26.56 14.43 -3.74
C TRP A 9 27.67 15.37 -4.24
N ARG A 10 27.61 15.74 -5.53
CA ARG A 10 28.57 16.68 -6.14
C ARG A 10 27.86 17.97 -6.58
N ASP A 11 28.53 19.10 -6.35
CA ASP A 11 27.89 20.42 -6.48
C ASP A 11 27.83 20.94 -7.92
N ALA A 12 26.75 21.62 -8.29
CA ALA A 12 26.63 22.19 -9.65
C ALA A 12 27.62 23.27 -10.19
N GLU A 13 28.01 24.27 -9.39
CA GLU A 13 28.77 25.43 -9.92
C GLU A 13 30.19 25.25 -10.52
N THR A 14 31.04 24.49 -9.84
CA THR A 14 32.38 24.06 -10.35
C THR A 14 32.60 22.54 -10.09
N GLY A 15 31.96 22.04 -9.04
CA GLY A 15 32.08 20.64 -8.62
C GLY A 15 32.84 20.53 -7.32
N GLU A 16 32.12 20.37 -6.21
CA GLU A 16 32.73 20.10 -4.92
C GLU A 16 32.00 18.95 -4.23
N ARG A 17 32.77 18.04 -3.64
CA ARG A 17 32.24 16.79 -3.10
C ARG A 17 31.82 16.90 -1.63
N LEU A 18 30.55 16.60 -1.35
CA LEU A 18 29.96 16.77 -0.02
C LEU A 18 29.02 15.62 0.36
N VAL A 19 28.57 15.60 1.62
CA VAL A 19 27.69 14.54 2.14
C VAL A 19 26.31 15.09 2.52
N CYS A 20 25.34 14.88 1.64
CA CYS A 20 23.98 15.41 1.81
C CYS A 20 23.07 14.54 2.68
N ALA A 21 22.25 15.19 3.49
CA ALA A 21 21.30 14.51 4.35
C ALA A 21 20.16 13.89 3.53
N GLN A 22 19.70 12.71 3.93
CA GLN A 22 18.54 12.10 3.28
C GLN A 22 17.24 12.75 3.78
N CYS A 23 16.16 12.51 3.05
CA CYS A 23 14.85 13.06 3.39
C CYS A 23 13.97 12.02 4.09
N PRO A 24 13.31 12.43 5.20
CA PRO A 24 12.42 11.56 5.98
C PRO A 24 11.24 11.01 5.17
N PRO A 25 10.62 9.90 5.63
CA PRO A 25 9.41 9.37 5.02
C PRO A 25 8.30 10.42 4.98
N GLY A 26 7.61 10.53 3.85
CA GLY A 26 6.64 11.60 3.65
C GLY A 26 7.19 12.69 2.76
N THR A 27 8.52 12.83 2.75
CA THR A 27 9.19 13.85 1.95
C THR A 27 10.08 13.25 0.86
N PHE A 28 10.52 14.10 -0.06
CA PHE A 28 11.48 13.73 -1.10
C PHE A 28 12.53 14.84 -1.25
N VAL A 29 13.59 14.57 -2.01
CA VAL A 29 14.64 15.57 -2.24
C VAL A 29 14.19 16.59 -3.28
N GLN A 30 13.94 17.80 -2.83
CA GLN A 30 13.53 18.89 -3.70
C GLN A 30 14.77 19.57 -4.28
N ARG A 31 15.73 19.88 -3.40
CA ARG A 31 17.02 20.45 -3.78
C ARG A 31 18.11 19.83 -2.88
N PRO A 32 19.27 19.47 -3.46
CA PRO A 32 20.38 18.94 -2.66
C PRO A 32 21.14 20.03 -1.90
N CYS A 33 22.28 19.69 -1.32
CA CYS A 33 23.08 20.67 -0.57
C CYS A 33 23.88 21.58 -1.48
N ARG A 34 24.03 22.82 -1.05
CA ARG A 34 25.05 23.72 -1.57
C ARG A 34 26.20 23.73 -0.55
N ARG A 35 27.12 24.68 -0.66
CA ARG A 35 28.16 24.85 0.36
C ARG A 35 27.52 25.25 1.69
N ASP A 36 26.74 26.34 1.67
CA ASP A 36 25.95 26.87 2.82
C ASP A 36 24.65 26.17 3.34
N SER A 37 23.72 25.81 2.45
CA SER A 37 22.48 25.10 2.78
C SER A 37 22.63 23.57 2.69
N PRO A 38 21.93 22.84 3.58
CA PRO A 38 21.83 21.38 3.45
C PRO A 38 20.69 20.95 2.52
N THR A 39 20.20 19.73 2.69
CA THR A 39 19.17 19.16 1.82
C THR A 39 17.79 19.76 2.04
N THR A 40 17.14 20.16 0.95
CA THR A 40 15.77 20.65 0.98
C THR A 40 14.77 19.50 0.76
N CYS A 41 14.04 19.16 1.80
CA CYS A 41 13.02 18.12 1.71
C CYS A 41 11.64 18.73 1.57
N GLY A 42 10.98 18.40 0.47
CA GLY A 42 9.61 18.84 0.22
C GLY A 42 8.66 17.67 0.39
N PRO A 43 7.37 17.96 0.67
CA PRO A 43 6.41 16.87 0.94
C PRO A 43 5.95 16.17 -0.33
N CYS A 44 5.60 14.89 -0.19
CA CYS A 44 5.02 14.10 -1.28
C CYS A 44 3.68 14.65 -1.75
N PRO A 45 3.52 14.84 -3.07
CA PRO A 45 2.31 15.41 -3.67
C PRO A 45 1.14 14.42 -3.62
N PRO A 46 -0.10 14.90 -3.89
CA PRO A 46 -1.23 13.99 -4.08
C PRO A 46 -0.90 12.80 -5.00
N ARG A 47 -1.42 11.63 -4.60
CA ARG A 47 -1.22 10.35 -5.31
CA ARG A 47 -1.22 10.34 -5.30
C ARG A 47 0.23 9.85 -5.30
N HIS A 48 1.04 10.35 -4.37
CA HIS A 48 2.46 10.00 -4.28
C HIS A 48 2.95 9.78 -2.85
N TYR A 49 3.90 8.85 -2.67
CA TYR A 49 4.34 8.43 -1.34
C TYR A 49 5.86 8.15 -1.21
N THR A 50 6.38 8.35 0.00
CA THR A 50 7.71 7.87 0.39
C THR A 50 7.63 7.18 1.75
N GLN A 51 7.84 5.87 1.75
CA GLN A 51 7.71 5.05 2.95
C GLN A 51 8.95 5.08 3.85
N PHE A 52 10.11 5.37 3.25
CA PHE A 52 11.39 5.28 3.96
C PHE A 52 12.24 6.55 3.83
N TRP A 53 13.33 6.61 4.61
CA TRP A 53 14.34 7.65 4.50
C TRP A 53 15.00 7.54 3.13
N ASN A 54 15.01 8.64 2.38
CA ASN A 54 15.29 8.55 0.95
C ASN A 54 16.14 9.66 0.38
N TYR A 55 16.66 9.41 -0.82
CA TYR A 55 17.32 10.44 -1.64
C TYR A 55 16.62 10.50 -3.00
N LEU A 56 15.30 10.31 -2.98
CA LEU A 56 14.50 10.28 -4.20
C LEU A 56 14.23 11.66 -4.75
N GLU A 57 14.49 11.83 -6.04
CA GLU A 57 14.36 13.12 -6.73
C GLU A 57 12.90 13.53 -6.88
N ARG A 58 12.01 12.53 -6.81
CA ARG A 58 10.58 12.72 -6.89
C ARG A 58 9.94 11.53 -6.16
N CYS A 59 8.76 11.72 -5.58
CA CYS A 59 8.09 10.67 -4.79
C CYS A 59 7.62 9.50 -5.65
N ARG A 60 7.41 8.34 -5.01
CA ARG A 60 6.91 7.15 -5.69
C ARG A 60 5.41 7.28 -5.94
N TYR A 61 4.94 6.87 -7.12
CA TYR A 61 3.52 6.91 -7.44
C TYR A 61 2.77 5.72 -6.83
N CYS A 62 1.58 5.99 -6.31
CA CYS A 62 0.68 4.97 -5.78
C CYS A 62 0.03 4.14 -6.90
N ASN A 63 0.74 3.09 -7.32
CA ASN A 63 0.34 2.28 -8.46
C ASN A 63 -0.77 1.27 -8.18
N VAL A 64 -0.99 0.98 -6.91
CA VAL A 64 -2.00 -0.02 -6.53
C VAL A 64 -3.39 0.60 -6.63
N LEU A 65 -4.21 0.05 -7.53
CA LEU A 65 -5.59 0.49 -7.64
C LEU A 65 -6.57 -0.66 -7.46
N CYS A 66 -7.41 -0.57 -6.45
CA CYS A 66 -8.49 -1.53 -6.24
C CYS A 66 -9.57 -1.38 -7.31
N GLY A 67 -10.18 -2.50 -7.68
CA GLY A 67 -10.95 -2.57 -8.91
C GLY A 67 -12.37 -3.04 -8.68
N GLU A 68 -12.82 -4.00 -9.49
CA GLU A 68 -14.22 -4.40 -9.50
C GLU A 68 -14.68 -4.83 -8.10
N ARG A 69 -14.01 -5.84 -7.55
CA ARG A 69 -14.52 -6.54 -6.38
C ARG A 69 -13.61 -6.29 -5.16
N GLU A 70 -12.79 -5.26 -5.25
CA GLU A 70 -11.85 -4.93 -4.18
C GLU A 70 -12.24 -3.66 -3.44
N GLU A 71 -11.98 -3.65 -2.14
CA GLU A 71 -12.06 -2.43 -1.33
C GLU A 71 -10.69 -2.04 -0.78
N GLU A 72 -10.57 -0.81 -0.30
CA GLU A 72 -9.33 -0.30 0.26
C GLU A 72 -8.98 -0.90 1.62
N ALA A 73 -7.71 -0.79 2.00
CA ALA A 73 -7.24 -1.14 3.34
C ALA A 73 -6.40 0.02 3.89
N ARG A 74 -5.59 0.59 3.02
CA ARG A 74 -4.98 1.86 3.29
C ARG A 74 -5.20 2.61 2.05
N ALA A 75 -5.34 3.91 2.18
CA ALA A 75 -5.43 4.79 1.03
C ALA A 75 -4.01 5.23 0.67
N CYS A 76 -3.90 6.17 -0.27
CA CYS A 76 -2.59 6.69 -0.65
C CYS A 76 -2.32 8.02 0.05
N HIS A 77 -1.49 7.97 1.09
CA HIS A 77 -0.99 9.18 1.74
C HIS A 77 0.51 9.28 1.53
N ALA A 78 1.16 10.24 2.20
CA ALA A 78 2.58 10.53 1.96
C ALA A 78 3.53 9.42 2.41
N THR A 79 3.00 8.46 3.19
CA THR A 79 3.79 7.35 3.70
C THR A 79 3.24 5.99 3.32
N HIS A 80 1.92 5.81 3.47
CA HIS A 80 1.24 4.65 2.95
C HIS A 80 1.37 4.61 1.44
N ASN A 81 1.50 3.42 0.88
CA ASN A 81 1.02 3.16 -0.47
C ASN A 81 -0.35 2.50 -0.31
N ARG A 82 -1.28 2.81 -1.22
CA ARG A 82 -2.61 2.22 -1.21
C ARG A 82 -2.51 0.70 -1.21
N ALA A 83 -3.37 0.06 -0.42
CA ALA A 83 -3.45 -1.40 -0.43
C ALA A 83 -4.92 -1.83 -0.53
N CYS A 84 -5.14 -2.99 -1.13
CA CYS A 84 -6.49 -3.47 -1.37
C CYS A 84 -6.79 -4.78 -0.64
N ARG A 85 -8.08 -5.02 -0.42
CA ARG A 85 -8.58 -6.32 0.03
C ARG A 85 -9.94 -6.59 -0.59
N CYS A 86 -10.36 -7.84 -0.55
CA CYS A 86 -11.61 -8.28 -1.13
C CYS A 86 -12.83 -7.77 -0.38
N ARG A 87 -13.88 -7.41 -1.11
CA ARG A 87 -15.14 -6.96 -0.51
C ARG A 87 -15.89 -8.09 0.20
N THR A 88 -17.00 -7.74 0.86
CA THR A 88 -17.70 -8.60 1.82
C THR A 88 -17.95 -10.04 1.37
N GLY A 89 -18.48 -10.19 0.16
CA GLY A 89 -18.81 -11.52 -0.37
C GLY A 89 -17.75 -12.15 -1.26
N PHE A 90 -16.49 -11.75 -1.05
CA PHE A 90 -15.39 -12.21 -1.89
C PHE A 90 -14.16 -12.63 -1.08
N PHE A 91 -13.33 -13.45 -1.71
CA PHE A 91 -12.08 -13.90 -1.10
C PHE A 91 -10.98 -14.00 -2.17
N ALA A 92 -9.73 -13.96 -1.75
CA ALA A 92 -8.67 -13.93 -2.72
C ALA A 92 -8.08 -15.27 -2.95
N HIS A 93 -8.12 -15.68 -4.20
CA HIS A 93 -7.47 -16.89 -4.56
C HIS A 93 -6.56 -16.66 -5.71
N ALA A 94 -5.29 -16.99 -5.51
CA ALA A 94 -4.35 -16.96 -6.58
C ALA A 94 -4.33 -15.62 -7.28
N GLY A 95 -4.31 -14.54 -6.53
CA GLY A 95 -4.24 -13.29 -7.22
C GLY A 95 -5.58 -12.64 -7.22
N PHE A 96 -6.38 -13.14 -8.13
CA PHE A 96 -7.72 -12.65 -8.35
C PHE A 96 -8.60 -12.90 -7.17
N CYS A 97 -9.54 -12.00 -7.02
CA CYS A 97 -10.48 -11.92 -5.92
C CYS A 97 -11.81 -12.57 -6.33
N LEU A 98 -12.02 -13.82 -5.93
CA LEU A 98 -13.21 -14.57 -6.36
C LEU A 98 -14.31 -14.70 -5.29
N GLU A 99 -15.47 -15.19 -5.72
CA GLU A 99 -16.71 -15.19 -4.91
C GLU A 99 -16.69 -16.18 -3.75
N HIS A 100 -17.46 -15.87 -2.71
CA HIS A 100 -17.66 -16.79 -1.60
C HIS A 100 -18.61 -17.92 -1.99
N ALA A 101 -18.31 -19.13 -1.49
CA ALA A 101 -19.08 -20.32 -1.83
C ALA A 101 -20.31 -20.46 -0.95
N SER A 102 -21.44 -20.85 -1.56
CA SER A 102 -22.68 -21.08 -0.83
C SER A 102 -22.77 -22.52 -0.35
N CYS A 103 -23.45 -22.73 0.78
CA CYS A 103 -23.69 -24.08 1.31
C CYS A 103 -25.18 -24.40 1.41
N PRO A 104 -25.61 -25.46 0.68
CA PRO A 104 -26.96 -26.02 0.64
C PRO A 104 -27.52 -26.54 1.98
N PRO A 105 -28.80 -27.02 2.00
CA PRO A 105 -29.24 -27.83 3.15
C PRO A 105 -28.42 -29.11 3.33
N GLY A 106 -28.20 -29.50 4.58
CA GLY A 106 -27.49 -30.75 4.91
C GLY A 106 -26.39 -30.57 5.94
N ALA A 107 -25.22 -30.19 5.47
CA ALA A 107 -24.08 -29.85 6.34
C ALA A 107 -23.67 -28.40 6.06
N GLY A 108 -24.37 -27.46 6.69
CA GLY A 108 -24.19 -26.02 6.48
C GLY A 108 -22.89 -25.43 6.99
N VAL A 109 -22.78 -24.10 6.89
CA VAL A 109 -21.53 -23.34 7.15
C VAL A 109 -20.93 -23.56 8.54
N ILE A 110 -19.74 -24.14 8.58
CA ILE A 110 -18.99 -24.32 9.84
C ILE A 110 -17.93 -23.23 10.00
N ALA A 111 -17.44 -22.70 8.89
CA ALA A 111 -16.51 -21.58 8.88
C ALA A 111 -16.82 -20.63 7.73
N PRO A 112 -17.21 -19.38 8.06
CA PRO A 112 -17.60 -18.40 7.05
C PRO A 112 -16.42 -17.91 6.22
N GLY A 113 -16.72 -17.41 5.03
CA GLY A 113 -15.71 -16.85 4.14
C GLY A 113 -15.14 -15.55 4.66
N THR A 114 -13.83 -15.57 4.89
CA THR A 114 -13.05 -14.36 5.17
C THR A 114 -12.59 -13.84 3.81
N PRO A 115 -12.22 -12.53 3.72
CA PRO A 115 -11.48 -12.05 2.55
C PRO A 115 -10.23 -12.87 2.18
N SER A 116 -9.75 -13.70 3.12
CA SER A 116 -8.55 -14.51 2.92
C SER A 116 -8.82 -15.95 2.43
N GLN A 117 -9.84 -16.61 2.99
CA GLN A 117 -10.18 -18.00 2.64
C GLN A 117 -11.63 -18.21 2.19
N ASN A 118 -11.87 -19.31 1.49
CA ASN A 118 -13.22 -19.68 1.06
C ASN A 118 -14.03 -20.31 2.18
N THR A 119 -15.35 -20.31 2.00
CA THR A 119 -16.31 -20.96 2.88
C THR A 119 -15.97 -22.43 3.14
N GLN A 120 -16.10 -22.84 4.39
CA GLN A 120 -15.98 -24.24 4.75
C GLN A 120 -17.33 -24.71 5.27
N CYS A 121 -17.81 -25.83 4.74
CA CYS A 121 -19.01 -26.50 5.25
C CYS A 121 -18.94 -28.01 5.12
N THR A 128 -30.35 -32.25 12.55
CA THR A 128 -30.06 -30.89 12.09
C THR A 128 -30.53 -30.65 10.68
N PHE A 129 -30.76 -29.39 10.34
CA PHE A 129 -31.00 -29.05 8.96
C PHE A 129 -30.68 -27.60 8.64
N SER A 130 -30.37 -27.34 7.38
CA SER A 130 -30.19 -25.99 6.89
C SER A 130 -31.25 -25.80 5.85
N ALA A 131 -32.04 -24.77 6.05
CA ALA A 131 -33.15 -24.50 5.17
C ALA A 131 -32.68 -24.17 3.78
N SER A 132 -31.59 -23.44 3.72
CA SER A 132 -31.16 -22.87 2.46
C SER A 132 -29.71 -23.09 2.11
N SER A 133 -29.44 -22.91 0.84
CA SER A 133 -28.09 -22.97 0.34
C SER A 133 -27.57 -21.56 0.26
N SER A 134 -27.14 -21.03 1.37
CA SER A 134 -26.39 -19.78 1.32
C SER A 134 -25.01 -19.94 1.95
N SER A 135 -24.30 -18.82 2.09
CA SER A 135 -23.03 -18.81 2.82
C SER A 135 -23.19 -18.22 4.22
N SER A 136 -24.28 -18.57 4.89
CA SER A 136 -24.58 -18.01 6.20
C SER A 136 -25.09 -19.03 7.23
N GLU A 137 -26.02 -19.89 6.80
CA GLU A 137 -26.78 -20.80 7.68
C GLU A 137 -25.95 -21.84 8.43
N GLN A 138 -26.35 -22.14 9.67
CA GLN A 138 -25.61 -23.04 10.55
C GLN A 138 -26.45 -24.22 11.04
#